data_8PQG
#
_entry.id   8PQG
#
_cell.length_a   58.750
_cell.length_b   59.090
_cell.length_c   192.420
_cell.angle_alpha   90.000
_cell.angle_beta   90.000
_cell.angle_gamma   90.000
#
_symmetry.space_group_name_H-M   'P 21 21 21'
#
loop_
_entity.id
_entity.type
_entity.pdbx_description
1 polymer 'Mast/stem cell growth factor receptor Kit'
2 non-polymer Avapritinib
3 water water
#
_entity_poly.entity_id   1
_entity_poly.type   'polypeptide(L)'
_entity_poly.pdbx_seq_one_letter_code
;GSMPMYEVQWKVVEESNGNNYSYIDPTQLPYDHKWEFPRNRLSFGKTLGAGAFGKVVEATAQGLIKSDAAMTVAVKMLKP
SAHSTEREALMSELKVLSYLGNHENIVNLLGACTHGGPTLVIIEYCCYGDLLNFLRRKRDEFVPYKVAPEDLYKDFLTLE
HLLSFSYQVAKGMAFLASKNCIHRDLAARNILLTHGNITKICDFGLARDIKNDSNYVDKGNARLPVKWMAPESIFNSVYT
FESDVWSYGIFLWELFSLGSSPYPGMPVDSKFYKMIKEGFRMSSPEYAPAEMYDIMKTCWDADPDKRPTFKQIVQDIEKQ
ISESTNH
;
_entity_poly.pdbx_strand_id   A,C
#
loop_
_chem_comp.id
_chem_comp.type
_chem_comp.name
_chem_comp.formula
9JI non-polymer Avapritinib 'C26 H27 F N10'
#
# COMPACT_ATOMS: atom_id res chain seq x y z
N ASN A 19 -33.32 -8.92 18.45
CA ASN A 19 -32.14 -8.06 18.55
C ASN A 19 -31.72 -7.84 19.99
N ASN A 20 -30.96 -8.78 20.54
CA ASN A 20 -30.40 -8.65 21.88
C ASN A 20 -29.04 -7.98 21.90
N TYR A 21 -28.44 -7.74 20.74
CA TYR A 21 -27.21 -6.96 20.62
C TYR A 21 -27.50 -5.70 19.82
N SER A 22 -26.96 -4.57 20.27
CA SER A 22 -27.24 -3.31 19.61
C SER A 22 -26.05 -2.37 19.76
N TYR A 23 -25.94 -1.45 18.82
CA TYR A 23 -24.92 -0.41 18.91
C TYR A 23 -25.34 0.61 19.95
N ILE A 24 -24.44 0.92 20.87
CA ILE A 24 -24.73 1.90 21.92
C ILE A 24 -24.66 3.29 21.32
N ASP A 25 -25.79 3.99 21.31
CA ASP A 25 -25.85 5.32 20.74
C ASP A 25 -25.27 6.33 21.74
N PRO A 26 -24.15 6.97 21.42
CA PRO A 26 -23.54 7.90 22.40
C PRO A 26 -24.48 9.02 22.83
N THR A 27 -25.35 9.50 21.94
CA THR A 27 -26.25 10.59 22.28
C THR A 27 -27.37 10.13 23.21
N GLN A 28 -27.64 8.84 23.27
CA GLN A 28 -28.64 8.30 24.18
C GLN A 28 -28.08 8.04 25.58
N LEU A 29 -26.77 8.13 25.76
CA LEU A 29 -26.20 7.90 27.07
C LEU A 29 -26.45 9.11 27.97
N PRO A 30 -26.62 8.87 29.27
CA PRO A 30 -26.83 10.01 30.18
C PRO A 30 -25.62 10.92 30.21
N TYR A 31 -25.89 12.21 30.43
CA TYR A 31 -24.81 13.17 30.62
C TYR A 31 -24.05 12.84 31.92
N ASP A 32 -22.73 12.77 31.82
CA ASP A 32 -21.89 12.48 32.98
C ASP A 32 -21.55 13.78 33.72
N HIS A 33 -21.88 13.84 35.01
CA HIS A 33 -21.66 15.04 35.81
C HIS A 33 -20.22 15.22 36.26
N LYS A 34 -19.31 14.32 35.85
CA LYS A 34 -17.90 14.58 36.06
C LYS A 34 -17.46 15.83 35.30
N TRP A 35 -18.14 16.14 34.19
CA TRP A 35 -17.81 17.32 33.41
C TRP A 35 -18.33 18.60 34.04
N GLU A 36 -19.25 18.48 35.00
CA GLU A 36 -19.94 19.66 35.51
C GLU A 36 -18.97 20.59 36.19
N PHE A 37 -19.03 21.87 35.80
CA PHE A 37 -18.16 22.92 36.31
C PHE A 37 -18.99 24.13 36.71
N PRO A 38 -18.67 24.77 37.84
CA PRO A 38 -19.49 25.90 38.31
C PRO A 38 -19.42 27.06 37.33
N ARG A 39 -20.61 27.53 36.92
CA ARG A 39 -20.73 28.60 35.93
C ARG A 39 -20.07 29.89 36.40
N ASN A 40 -20.17 30.20 37.69
CA ASN A 40 -19.63 31.44 38.21
C ASN A 40 -18.10 31.48 38.22
N ARG A 41 -17.43 30.37 37.93
CA ARG A 41 -15.98 30.32 37.92
C ARG A 41 -15.39 30.58 36.53
N LEU A 42 -16.21 30.98 35.56
CA LEU A 42 -15.76 31.35 34.22
C LEU A 42 -15.90 32.86 34.04
N SER A 43 -14.86 33.49 33.50
CA SER A 43 -14.91 34.90 33.17
C SER A 43 -14.66 35.04 31.68
N PHE A 44 -15.67 35.54 30.96
CA PHE A 44 -15.63 35.58 29.51
C PHE A 44 -14.77 36.73 29.02
N GLY A 45 -14.16 36.51 27.85
CA GLY A 45 -13.32 37.49 27.22
C GLY A 45 -13.73 37.76 25.78
N LYS A 46 -12.76 37.76 24.87
CA LYS A 46 -13.03 38.03 23.47
C LYS A 46 -13.87 36.90 22.88
N THR A 47 -14.64 37.24 21.85
CA THR A 47 -15.46 36.26 21.15
C THR A 47 -14.63 35.65 20.03
N LEU A 48 -14.54 34.31 20.01
CA LEU A 48 -13.68 33.63 19.05
C LEU A 48 -14.41 33.32 17.75
N GLY A 49 -15.68 32.96 17.84
CA GLY A 49 -16.48 32.69 16.65
C GLY A 49 -17.93 33.01 16.95
N ALA A 50 -18.65 33.40 15.90
CA ALA A 50 -20.02 33.86 16.07
C ALA A 50 -20.88 33.40 14.91
N GLY A 51 -22.14 33.10 15.21
CA GLY A 51 -23.13 32.72 14.23
C GLY A 51 -24.51 33.12 14.72
N ALA A 52 -25.53 32.75 13.94
CA ALA A 52 -26.89 33.10 14.31
C ALA A 52 -27.37 32.30 15.53
N PHE A 53 -26.90 31.06 15.67
CA PHE A 53 -27.34 30.21 16.76
C PHE A 53 -26.59 30.51 18.06
N GLY A 54 -25.29 30.75 17.98
CA GLY A 54 -24.53 30.98 19.18
C GLY A 54 -23.13 31.47 18.88
N LYS A 55 -22.26 31.37 19.88
CA LYS A 55 -20.90 31.88 19.78
C LYS A 55 -19.95 31.03 20.61
N VAL A 56 -18.66 31.23 20.36
CA VAL A 56 -17.58 30.63 21.14
C VAL A 56 -16.68 31.77 21.62
N VAL A 57 -16.47 31.84 22.92
CA VAL A 57 -15.69 32.93 23.50
C VAL A 57 -14.47 32.37 24.20
N GLU A 58 -13.42 33.17 24.25
CA GLU A 58 -12.30 32.87 25.12
C GLU A 58 -12.70 33.21 26.55
N ALA A 59 -12.28 32.37 27.49
CA ALA A 59 -12.68 32.58 28.87
C ALA A 59 -11.59 32.07 29.80
N THR A 60 -11.67 32.54 31.05
CA THR A 60 -10.79 32.13 32.13
C THR A 60 -11.58 31.23 33.08
N ALA A 61 -11.07 30.03 33.32
CA ALA A 61 -11.69 29.08 34.24
C ALA A 61 -10.86 29.02 35.51
N GLN A 62 -11.46 29.41 36.63
CA GLN A 62 -10.78 29.43 37.91
C GLN A 62 -11.04 28.10 38.62
N GLY A 63 -10.00 27.31 38.79
CA GLY A 63 -10.09 26.05 39.50
C GLY A 63 -10.51 24.87 38.65
N LEU A 64 -10.32 24.94 37.33
CA LEU A 64 -10.82 23.89 36.44
C LEU A 64 -9.97 22.64 36.57
N ILE A 65 -8.66 22.77 36.36
CA ILE A 65 -7.75 21.64 36.49
C ILE A 65 -7.09 21.62 37.86
N LYS A 66 -6.46 22.74 38.24
CA LYS A 66 -5.92 22.92 39.58
C LYS A 66 -6.83 23.87 40.34
N SER A 67 -7.07 23.56 41.62
CA SER A 67 -8.05 24.27 42.42
C SER A 67 -7.76 25.77 42.52
N ASP A 68 -6.48 26.14 42.57
CA ASP A 68 -6.09 27.53 42.78
C ASP A 68 -5.50 28.18 41.52
N ALA A 69 -5.56 27.51 40.38
CA ALA A 69 -4.96 28.01 39.16
C ALA A 69 -6.05 28.34 38.14
N ALA A 70 -5.98 29.54 37.58
CA ALA A 70 -6.86 29.92 36.49
C ALA A 70 -6.33 29.39 35.17
N MET A 71 -7.24 29.01 34.29
CA MET A 71 -6.90 28.35 33.05
C MET A 71 -7.66 28.98 31.90
N THR A 72 -6.97 29.27 30.80
CA THR A 72 -7.62 29.82 29.61
C THR A 72 -8.32 28.69 28.85
N VAL A 73 -9.60 28.92 28.52
CA VAL A 73 -10.42 27.92 27.83
C VAL A 73 -11.26 28.62 26.76
N ALA A 74 -11.97 27.81 25.98
CA ALA A 74 -12.96 28.29 25.04
C ALA A 74 -14.31 27.73 25.46
N VAL A 75 -15.35 28.56 25.33
CA VAL A 75 -16.68 28.22 25.82
C VAL A 75 -17.66 28.36 24.67
N LYS A 76 -18.29 27.26 24.29
CA LYS A 76 -19.28 27.21 23.22
C LYS A 76 -20.67 27.35 23.82
N MET A 77 -21.44 28.33 23.33
CA MET A 77 -22.72 28.65 23.94
C MET A 77 -23.73 29.06 22.89
N LEU A 78 -25.00 28.85 23.20
CA LEU A 78 -26.10 29.26 22.34
C LEU A 78 -26.73 30.54 22.87
N LYS A 79 -27.37 31.27 21.98
CA LYS A 79 -28.15 32.42 22.42
C LYS A 79 -29.47 31.97 23.02
N PRO A 80 -30.06 32.78 23.91
CA PRO A 80 -31.39 32.43 24.44
C PRO A 80 -32.46 32.32 23.36
N SER A 81 -32.32 33.03 22.25
CA SER A 81 -33.25 32.93 21.13
C SER A 81 -32.96 31.73 20.25
N ALA A 82 -32.87 30.54 20.84
CA ALA A 82 -32.48 29.32 20.12
C ALA A 82 -33.60 28.28 20.21
N HIS A 83 -33.95 27.71 19.06
CA HIS A 83 -34.97 26.67 19.03
C HIS A 83 -34.47 25.43 19.76
N SER A 84 -35.41 24.53 20.07
CA SER A 84 -35.04 23.35 20.85
CA SER A 84 -35.05 23.34 20.85
C SER A 84 -34.16 22.39 20.06
N THR A 85 -34.25 22.40 18.72
CA THR A 85 -33.40 21.50 17.94
C THR A 85 -31.93 21.87 18.08
N GLU A 86 -31.62 23.18 18.11
CA GLU A 86 -30.25 23.60 18.31
C GLU A 86 -29.78 23.36 19.74
N ARG A 87 -30.68 23.49 20.71
CA ARG A 87 -30.29 23.27 22.11
C ARG A 87 -29.85 21.83 22.34
N GLU A 88 -30.60 20.87 21.81
CA GLU A 88 -30.23 19.47 21.95
C GLU A 88 -29.10 19.08 21.02
N ALA A 89 -28.84 19.85 19.97
CA ALA A 89 -27.68 19.58 19.14
C ALA A 89 -26.39 19.88 19.90
N LEU A 90 -26.42 20.92 20.75
CA LEU A 90 -25.24 21.22 21.56
C LEU A 90 -25.00 20.14 22.60
N MET A 91 -26.09 19.61 23.19
CA MET A 91 -25.94 18.52 24.13
C MET A 91 -25.46 17.24 23.44
N SER A 92 -25.90 17.01 22.20
CA SER A 92 -25.44 15.84 21.47
C SER A 92 -23.96 15.92 21.15
N GLU A 93 -23.47 17.11 20.77
CA GLU A 93 -22.04 17.29 20.56
C GLU A 93 -21.26 17.07 21.86
N LEU A 94 -21.78 17.57 22.98
CA LEU A 94 -21.15 17.33 24.27
C LEU A 94 -21.04 15.84 24.55
N LYS A 95 -22.09 15.08 24.26
CA LYS A 95 -22.06 13.64 24.53
C LYS A 95 -21.12 12.90 23.58
N VAL A 96 -21.02 13.36 22.33
CA VAL A 96 -20.06 12.76 21.40
C VAL A 96 -18.64 12.96 21.90
N LEU A 97 -18.33 14.18 22.35
CA LEU A 97 -16.98 14.48 22.78
C LEU A 97 -16.61 13.68 24.02
N SER A 98 -17.57 13.45 24.91
CA SER A 98 -17.30 12.65 26.11
CA SER A 98 -17.27 12.66 26.10
C SER A 98 -17.15 11.17 25.78
N TYR A 99 -18.03 10.66 24.91
CA TYR A 99 -17.94 9.27 24.50
C TYR A 99 -16.67 9.02 23.69
N LEU A 100 -16.28 9.98 22.85
CA LEU A 100 -15.09 9.81 22.01
C LEU A 100 -13.85 9.61 22.86
N GLY A 101 -13.70 10.41 23.91
CA GLY A 101 -12.52 10.37 24.73
C GLY A 101 -11.45 11.36 24.26
N ASN A 102 -10.43 11.51 25.11
CA ASN A 102 -9.38 12.48 24.86
C ASN A 102 -8.48 12.02 23.72
N HIS A 103 -8.10 12.97 22.85
CA HIS A 103 -7.10 12.70 21.82
C HIS A 103 -6.31 13.97 21.57
N GLU A 104 -5.04 13.78 21.18
CA GLU A 104 -4.13 14.90 21.03
C GLU A 104 -4.54 15.82 19.89
N ASN A 105 -5.11 15.24 18.82
CA ASN A 105 -5.45 15.99 17.63
C ASN A 105 -6.92 16.39 17.60
N ILE A 106 -7.55 16.44 18.76
CA ILE A 106 -8.94 16.86 18.88
C ILE A 106 -8.99 18.01 19.88
N VAL A 107 -9.81 19.02 19.57
CA VAL A 107 -10.12 20.03 20.58
C VAL A 107 -10.95 19.35 21.66
N ASN A 108 -10.30 18.99 22.77
CA ASN A 108 -10.92 18.08 23.71
C ASN A 108 -11.87 18.79 24.66
N LEU A 109 -12.90 18.05 25.06
CA LEU A 109 -13.85 18.52 26.06
C LEU A 109 -13.18 18.69 27.40
N LEU A 110 -13.37 19.84 28.03
CA LEU A 110 -12.85 20.08 29.37
C LEU A 110 -13.92 20.11 30.44
N GLY A 111 -15.11 20.64 30.13
CA GLY A 111 -16.16 20.69 31.13
C GLY A 111 -17.44 21.17 30.48
N ALA A 112 -18.50 21.23 31.30
CA ALA A 112 -19.82 21.66 30.85
C ALA A 112 -20.53 22.34 32.02
N CYS A 113 -21.46 23.24 31.69
CA CYS A 113 -22.28 23.96 32.67
C CYS A 113 -23.73 23.72 32.25
N THR A 114 -24.35 22.70 32.81
CA THR A 114 -25.71 22.36 32.44
C THR A 114 -26.74 22.70 33.53
N HIS A 115 -26.29 23.12 34.70
CA HIS A 115 -27.22 23.30 35.82
C HIS A 115 -28.00 24.60 35.61
N GLY A 116 -29.30 24.46 35.37
CA GLY A 116 -30.19 25.61 35.31
C GLY A 116 -29.99 26.52 34.11
N GLY A 117 -28.88 27.27 34.09
CA GLY A 117 -28.67 28.30 33.10
C GLY A 117 -28.41 27.76 31.71
N PRO A 118 -27.99 28.64 30.80
CA PRO A 118 -27.79 28.21 29.41
C PRO A 118 -26.58 27.28 29.33
N THR A 119 -26.73 26.22 28.54
CA THR A 119 -25.70 25.18 28.50
C THR A 119 -24.41 25.75 27.94
N LEU A 120 -23.30 25.51 28.66
CA LEU A 120 -21.98 25.93 28.24
C LEU A 120 -21.10 24.70 28.10
N VAL A 121 -20.36 24.61 26.99
CA VAL A 121 -19.44 23.52 26.73
C VAL A 121 -18.03 24.07 26.73
N ILE A 122 -17.21 23.61 27.68
CA ILE A 122 -15.86 24.12 27.87
C ILE A 122 -14.88 23.20 27.16
N ILE A 123 -14.15 23.74 26.18
CA ILE A 123 -13.24 22.97 25.36
C ILE A 123 -11.85 23.60 25.45
N GLU A 124 -10.86 22.88 24.92
CA GLU A 124 -9.49 23.37 24.91
C GLU A 124 -9.35 24.65 24.08
N TYR A 125 -8.54 25.58 24.58
CA TYR A 125 -8.21 26.82 23.88
C TYR A 125 -6.92 26.65 23.09
N CYS A 126 -6.99 26.95 21.79
CA CYS A 126 -5.86 26.86 20.88
C CYS A 126 -5.37 28.26 20.57
N CYS A 127 -4.19 28.61 21.09
CA CYS A 127 -3.77 30.01 21.10
C CYS A 127 -3.56 30.57 19.70
N TYR A 128 -3.25 29.72 18.71
CA TYR A 128 -2.94 30.22 17.38
C TYR A 128 -4.14 30.34 16.46
N GLY A 129 -5.28 29.78 16.82
CA GLY A 129 -6.47 29.95 16.01
C GLY A 129 -6.60 28.94 14.89
N ASP A 130 -7.49 29.24 13.95
CA ASP A 130 -7.76 28.33 12.85
C ASP A 130 -6.57 28.28 11.89
N LEU A 131 -6.39 27.11 11.28
CA LEU A 131 -5.24 26.88 10.40
C LEU A 131 -5.37 27.64 9.09
N LEU A 132 -6.60 27.93 8.65
CA LEU A 132 -6.77 28.68 7.41
C LEU A 132 -6.25 30.10 7.55
N ASN A 133 -6.65 30.79 8.61
CA ASN A 133 -6.14 32.15 8.83
C ASN A 133 -4.65 32.12 9.14
N PHE A 134 -4.17 31.09 9.82
CA PHE A 134 -2.76 30.99 10.15
C PHE A 134 -1.91 30.90 8.88
N LEU A 135 -2.35 30.10 7.90
CA LEU A 135 -1.58 29.97 6.67
C LEU A 135 -1.54 31.29 5.90
N ARG A 136 -2.65 32.04 5.90
CA ARG A 136 -2.69 33.30 5.16
C ARG A 136 -1.78 34.35 5.79
N ARG A 137 -1.62 34.34 7.11
CA ARG A 137 -0.66 35.23 7.74
C ARG A 137 0.77 34.88 7.32
N LYS A 138 1.12 33.60 7.41
CA LYS A 138 2.47 33.12 7.14
C LYS A 138 2.75 32.92 5.66
N ARG A 139 1.81 33.24 4.77
CA ARG A 139 1.98 32.94 3.36
C ARG A 139 3.12 33.76 2.75
N ASP A 140 3.24 35.03 3.15
CA ASP A 140 4.25 35.89 2.53
C ASP A 140 5.67 35.42 2.85
N GLU A 141 5.90 34.88 4.05
CA GLU A 141 7.21 34.42 4.49
C GLU A 141 7.17 32.91 4.71
N PHE A 142 7.17 32.16 3.60
CA PHE A 142 7.18 30.70 3.62
C PHE A 142 8.33 30.22 2.77
N VAL A 143 9.10 29.26 3.30
CA VAL A 143 10.19 28.66 2.53
C VAL A 143 9.98 27.15 2.52
N PRO A 144 10.23 26.46 1.40
CA PRO A 144 10.18 25.00 1.40
C PRO A 144 11.27 24.40 2.27
N TYR A 145 12.50 24.90 2.09
CA TYR A 145 13.65 24.48 2.89
C TYR A 145 14.46 25.72 3.27
N LYS A 146 15.21 25.59 4.37
CA LYS A 146 16.03 26.70 4.87
C LYS A 146 17.47 26.56 4.40
N PHE A 156 8.81 31.41 10.95
CA PHE A 156 8.56 31.24 9.53
C PHE A 156 8.10 29.81 9.19
N LEU A 157 6.99 29.72 8.45
CA LEU A 157 6.44 28.43 8.06
C LEU A 157 7.34 27.75 7.03
N THR A 158 7.51 26.44 7.16
CA THR A 158 8.29 25.64 6.22
C THR A 158 7.45 24.51 5.66
N LEU A 159 8.04 23.75 4.75
CA LEU A 159 7.34 22.60 4.18
C LEU A 159 7.15 21.51 5.22
N GLU A 160 8.15 21.32 6.09
CA GLU A 160 8.07 20.28 7.10
C GLU A 160 6.88 20.50 8.03
N HIS A 161 6.52 21.75 8.28
CA HIS A 161 5.31 22.05 9.03
C HIS A 161 4.08 21.50 8.30
N LEU A 162 4.00 21.72 6.98
CA LEU A 162 2.82 21.28 6.24
C LEU A 162 2.68 19.76 6.29
N LEU A 163 3.78 19.04 6.19
CA LEU A 163 3.72 17.58 6.27
C LEU A 163 3.22 17.14 7.64
N SER A 164 3.70 17.79 8.70
CA SER A 164 3.26 17.46 10.05
C SER A 164 1.76 17.74 10.23
N PHE A 165 1.28 18.87 9.68
CA PHE A 165 -0.14 19.22 9.82
C PHE A 165 -1.03 18.20 9.13
N SER A 166 -0.67 17.77 7.91
CA SER A 166 -1.44 16.76 7.22
C SER A 166 -1.39 15.43 7.98
N TYR A 167 -0.26 15.13 8.61
CA TYR A 167 -0.13 13.87 9.36
C TYR A 167 -0.99 13.91 10.62
N GLN A 168 -0.97 15.03 11.34
CA GLN A 168 -1.73 15.12 12.58
C GLN A 168 -3.23 15.08 12.32
N VAL A 169 -3.71 15.76 11.27
CA VAL A 169 -5.14 15.79 11.00
C VAL A 169 -5.62 14.42 10.56
N ALA A 170 -4.77 13.69 9.85
CA ALA A 170 -5.13 12.33 9.44
C ALA A 170 -5.29 11.41 10.64
N LYS A 171 -4.41 11.56 11.65
CA LYS A 171 -4.51 10.74 12.86
C LYS A 171 -5.78 11.03 13.64
N GLY A 172 -6.13 12.31 13.79
CA GLY A 172 -7.38 12.65 14.44
C GLY A 172 -8.58 12.10 13.69
N MET A 173 -8.56 12.22 12.36
CA MET A 173 -9.67 11.67 11.58
C MET A 173 -9.72 10.16 11.67
N ALA A 174 -8.54 9.53 11.63
CA ALA A 174 -8.48 8.08 11.83
C ALA A 174 -9.01 7.69 13.20
N PHE A 175 -8.73 8.51 14.21
CA PHE A 175 -9.29 8.26 15.53
C PHE A 175 -10.81 8.42 15.53
N LEU A 176 -11.32 9.43 14.84
CA LEU A 176 -12.77 9.57 14.69
C LEU A 176 -13.38 8.37 13.99
N ALA A 177 -12.84 8.02 12.81
CA ALA A 177 -13.33 6.86 12.08
C ALA A 177 -13.22 5.57 12.90
N SER A 178 -12.20 5.45 13.74
CA SER A 178 -12.06 4.29 14.62
C SER A 178 -13.15 4.21 15.67
N LYS A 179 -13.85 5.32 15.96
CA LYS A 179 -14.98 5.32 16.87
C LYS A 179 -16.32 5.32 16.13
N ASN A 180 -16.33 4.91 14.86
CA ASN A 180 -17.53 4.93 14.01
C ASN A 180 -18.14 6.32 13.95
N CYS A 181 -17.30 7.32 13.73
CA CYS A 181 -17.71 8.71 13.78
CA CYS A 181 -17.74 8.71 13.77
C CYS A 181 -17.22 9.47 12.54
N ILE A 182 -18.09 10.31 11.98
CA ILE A 182 -17.77 11.18 10.87
C ILE A 182 -17.91 12.63 11.32
N HIS A 183 -17.09 13.50 10.74
CA HIS A 183 -17.04 14.90 11.13
C HIS A 183 -18.00 15.77 10.32
N ARG A 184 -18.10 15.52 9.01
CA ARG A 184 -19.04 16.15 8.09
C ARG A 184 -18.73 17.62 7.77
N ASP A 185 -17.74 18.23 8.41
CA ASP A 185 -17.35 19.59 8.07
C ASP A 185 -15.83 19.75 8.18
N LEU A 186 -15.08 18.79 7.64
CA LEU A 186 -13.63 18.85 7.68
C LEU A 186 -13.13 19.91 6.70
N ALA A 187 -12.32 20.85 7.19
CA ALA A 187 -11.78 21.96 6.40
C ALA A 187 -10.73 22.67 7.25
N ALA A 188 -9.88 23.44 6.58
CA ALA A 188 -8.80 24.14 7.28
C ALA A 188 -9.35 25.14 8.31
N ARG A 189 -10.51 25.74 8.04
CA ARG A 189 -11.10 26.66 9.00
C ARG A 189 -11.51 25.97 10.30
N ASN A 190 -11.71 24.65 10.27
CA ASN A 190 -12.09 23.90 11.46
C ASN A 190 -10.92 23.12 12.05
N ILE A 191 -9.70 23.49 11.68
CA ILE A 191 -8.48 22.92 12.24
C ILE A 191 -7.77 24.02 12.99
N LEU A 192 -7.54 23.82 14.27
CA LEU A 192 -6.93 24.83 15.13
C LEU A 192 -5.49 24.44 15.45
N LEU A 193 -4.66 25.46 15.68
CA LEU A 193 -3.25 25.26 16.00
C LEU A 193 -2.98 25.78 17.40
N THR A 194 -2.20 25.01 18.17
CA THR A 194 -1.88 25.41 19.53
C THR A 194 -0.37 25.32 19.76
N HIS A 195 0.06 25.38 21.03
CA HIS A 195 1.48 25.34 21.34
C HIS A 195 2.10 24.04 20.85
N GLY A 196 3.38 24.12 20.49
CA GLY A 196 4.10 22.95 20.01
C GLY A 196 3.75 22.52 18.60
N ASN A 197 3.11 23.41 17.84
CA ASN A 197 2.69 23.10 16.47
C ASN A 197 1.78 21.86 16.44
N ILE A 198 0.86 21.78 17.40
CA ILE A 198 -0.13 20.70 17.46
C ILE A 198 -1.43 21.22 16.84
N THR A 199 -1.95 20.45 15.87
CA THR A 199 -3.23 20.77 15.23
C THR A 199 -4.32 19.92 15.85
N LYS A 200 -5.50 20.53 16.05
CA LYS A 200 -6.64 19.87 16.66
C LYS A 200 -7.89 20.14 15.83
N ILE A 201 -8.72 19.10 15.67
CA ILE A 201 -9.98 19.22 14.96
C ILE A 201 -11.04 19.73 15.93
N CYS A 202 -11.81 20.73 15.51
CA CYS A 202 -12.84 21.31 16.35
C CYS A 202 -14.18 21.26 15.65
N ASP A 203 -15.19 21.89 16.28
CA ASP A 203 -16.55 21.98 15.76
C ASP A 203 -17.11 20.61 15.44
N PHE A 204 -17.56 19.89 16.48
CA PHE A 204 -18.20 18.59 16.31
C PHE A 204 -19.72 18.70 16.32
N GLY A 205 -20.25 19.85 15.92
CA GLY A 205 -21.69 20.04 15.94
C GLY A 205 -22.43 19.13 14.98
N LEU A 206 -21.82 18.81 13.84
CA LEU A 206 -22.40 17.92 12.84
C LEU A 206 -21.81 16.52 12.86
N ALA A 207 -21.03 16.17 13.88
CA ALA A 207 -20.46 14.83 13.98
C ALA A 207 -21.52 13.80 14.30
N ARG A 208 -21.45 12.64 13.64
CA ARG A 208 -22.45 11.60 13.79
C ARG A 208 -21.77 10.26 14.02
N ASP A 209 -22.49 9.34 14.65
CA ASP A 209 -22.08 7.95 14.79
C ASP A 209 -22.82 7.14 13.72
N ILE A 210 -22.08 6.54 12.79
CA ILE A 210 -22.72 5.96 11.61
C ILE A 210 -23.39 4.63 11.92
N LYS A 211 -22.90 3.88 12.90
CA LYS A 211 -23.47 2.58 13.20
C LYS A 211 -24.80 2.73 13.93
N SER A 214 -25.59 2.21 7.90
CA SER A 214 -24.23 2.07 7.41
C SER A 214 -23.60 3.43 7.15
N ASN A 215 -24.43 4.37 6.67
CA ASN A 215 -24.02 5.73 6.40
C ASN A 215 -25.07 6.68 6.93
N TYR A 216 -24.73 7.96 6.99
CA TYR A 216 -25.63 8.98 7.51
C TYR A 216 -26.22 9.79 6.34
N VAL A 217 -27.54 9.99 6.38
CA VAL A 217 -28.26 10.78 5.37
C VAL A 217 -28.86 12.01 6.07
N ASP A 218 -28.58 13.19 5.52
CA ASP A 218 -29.09 14.44 6.08
C ASP A 218 -30.41 14.87 5.44
N ALA A 222 -29.84 23.52 6.08
CA ALA A 222 -28.86 24.52 6.49
C ALA A 222 -27.83 24.75 5.40
N ARG A 223 -27.13 25.87 5.47
CA ARG A 223 -26.09 26.17 4.50
C ARG A 223 -24.97 25.15 4.60
N LEU A 224 -24.52 24.67 3.45
CA LEU A 224 -23.57 23.57 3.38
C LEU A 224 -22.25 24.03 2.77
N PRO A 225 -21.12 23.43 3.16
CA PRO A 225 -19.84 23.77 2.53
C PRO A 225 -19.62 22.99 1.23
N VAL A 226 -20.20 23.50 0.15
CA VAL A 226 -20.29 22.74 -1.10
C VAL A 226 -18.91 22.40 -1.64
N LYS A 227 -17.97 23.34 -1.59
CA LYS A 227 -16.67 23.10 -2.22
C LYS A 227 -15.82 22.07 -1.48
N TRP A 228 -16.21 21.68 -0.26
CA TRP A 228 -15.53 20.64 0.50
C TRP A 228 -16.28 19.31 0.47
N MET A 229 -17.46 19.27 -0.17
CA MET A 229 -18.34 18.11 -0.06
C MET A 229 -18.11 17.12 -1.19
N ALA A 230 -18.20 15.85 -0.85
CA ALA A 230 -18.15 14.80 -1.85
C ALA A 230 -19.39 14.88 -2.75
N PRO A 231 -19.29 14.42 -4.00
CA PRO A 231 -20.44 14.52 -4.91
C PRO A 231 -21.67 13.79 -4.38
N GLU A 232 -21.50 12.63 -3.73
CA GLU A 232 -22.65 11.92 -3.16
C GLU A 232 -23.30 12.72 -2.03
N SER A 233 -22.54 13.56 -1.35
CA SER A 233 -23.14 14.40 -0.32
C SER A 233 -23.96 15.52 -0.94
N ILE A 234 -23.48 16.09 -2.04
CA ILE A 234 -24.20 17.18 -2.68
C ILE A 234 -25.47 16.66 -3.35
N PHE A 235 -25.38 15.50 -4.01
CA PHE A 235 -26.46 15.06 -4.88
C PHE A 235 -27.47 14.15 -4.17
N ASN A 236 -27.04 13.42 -3.14
CA ASN A 236 -27.94 12.51 -2.46
C ASN A 236 -27.90 12.67 -0.94
N SER A 237 -27.18 13.67 -0.43
CA SER A 237 -27.19 14.00 0.99
C SER A 237 -26.74 12.82 1.85
N VAL A 238 -25.79 12.04 1.33
CA VAL A 238 -25.24 10.89 2.02
C VAL A 238 -23.87 11.28 2.55
N TYR A 239 -23.62 10.98 3.83
CA TYR A 239 -22.37 11.27 4.49
C TYR A 239 -21.78 9.98 5.05
N THR A 240 -20.50 9.73 4.76
CA THR A 240 -19.84 8.47 5.07
C THR A 240 -18.44 8.73 5.60
N PHE A 241 -17.77 7.63 5.99
CA PHE A 241 -16.33 7.68 6.21
C PHE A 241 -15.61 8.21 4.96
N GLU A 242 -16.06 7.76 3.78
CA GLU A 242 -15.42 8.15 2.53
C GLU A 242 -15.66 9.62 2.19
N SER A 243 -16.83 10.17 2.55
CA SER A 243 -17.08 11.58 2.29
C SER A 243 -16.19 12.47 3.14
N ASP A 244 -15.88 12.07 4.38
CA ASP A 244 -14.89 12.77 5.17
C ASP A 244 -13.53 12.74 4.49
N VAL A 245 -13.17 11.60 3.89
CA VAL A 245 -11.89 11.47 3.19
C VAL A 245 -11.83 12.43 2.01
N TRP A 246 -12.94 12.61 1.30
CA TRP A 246 -13.01 13.63 0.26
C TRP A 246 -12.65 15.00 0.83
N SER A 247 -13.34 15.38 1.91
CA SER A 247 -13.09 16.68 2.51
C SER A 247 -11.66 16.81 2.99
N TYR A 248 -11.07 15.71 3.46
CA TYR A 248 -9.65 15.73 3.80
C TYR A 248 -8.81 16.08 2.58
N GLY A 249 -9.14 15.50 1.42
CA GLY A 249 -8.39 15.84 0.21
C GLY A 249 -8.49 17.31 -0.13
N ILE A 250 -9.68 17.90 0.07
CA ILE A 250 -9.81 19.34 -0.14
C ILE A 250 -8.98 20.09 0.88
N PHE A 251 -8.86 19.54 2.11
CA PHE A 251 -8.04 20.20 3.12
C PHE A 251 -6.56 20.17 2.74
N LEU A 252 -6.07 19.06 2.22
CA LEU A 252 -4.68 19.00 1.77
C LEU A 252 -4.39 20.06 0.73
N TRP A 253 -5.36 20.32 -0.16
CA TRP A 253 -5.16 21.36 -1.16
C TRP A 253 -5.11 22.75 -0.51
N GLU A 254 -6.00 23.00 0.46
CA GLU A 254 -5.90 24.24 1.24
C GLU A 254 -4.54 24.35 1.91
N LEU A 255 -4.04 23.24 2.45
CA LEU A 255 -2.80 23.26 3.21
C LEU A 255 -1.61 23.64 2.33
N PHE A 256 -1.47 22.97 1.20
CA PHE A 256 -0.28 23.17 0.37
C PHE A 256 -0.42 24.32 -0.61
N SER A 257 -1.59 24.97 -0.69
CA SER A 257 -1.70 26.22 -1.43
C SER A 257 -1.54 27.43 -0.52
N LEU A 258 -1.05 27.23 0.71
CA LEU A 258 -0.86 28.28 1.70
C LEU A 258 -2.16 29.04 1.97
N GLY A 259 -3.26 28.31 2.04
CA GLY A 259 -4.51 28.88 2.51
C GLY A 259 -5.41 29.47 1.45
N SER A 260 -5.28 29.05 0.19
CA SER A 260 -6.11 29.58 -0.87
CA SER A 260 -6.12 29.59 -0.86
C SER A 260 -7.47 28.91 -0.87
N SER A 261 -8.46 29.60 -1.43
CA SER A 261 -9.79 29.04 -1.51
C SER A 261 -9.81 27.93 -2.55
N PRO A 262 -10.59 26.88 -2.32
CA PRO A 262 -10.66 25.80 -3.30
C PRO A 262 -11.46 26.19 -4.53
N TYR A 263 -11.15 25.54 -5.64
CA TYR A 263 -11.75 25.83 -6.94
C TYR A 263 -11.73 27.33 -7.24
N PRO A 264 -10.55 27.96 -7.28
CA PRO A 264 -10.51 29.41 -7.45
C PRO A 264 -11.08 29.82 -8.79
N GLY A 265 -11.82 30.93 -8.79
CA GLY A 265 -12.47 31.41 -9.99
C GLY A 265 -13.71 30.64 -10.40
N MET A 266 -14.20 29.73 -9.57
CA MET A 266 -15.40 28.96 -9.89
C MET A 266 -16.45 29.21 -8.82
N PRO A 267 -17.55 29.87 -9.13
CA PRO A 267 -18.62 30.02 -8.13
C PRO A 267 -19.47 28.77 -8.03
N VAL A 268 -20.04 28.56 -6.85
CA VAL A 268 -20.96 27.46 -6.63
C VAL A 268 -22.23 27.76 -7.43
N ASP A 269 -22.34 27.18 -8.63
CA ASP A 269 -23.50 27.39 -9.47
C ASP A 269 -23.77 26.11 -10.25
N SER A 270 -24.63 26.21 -11.26
CA SER A 270 -25.01 25.03 -12.02
C SER A 270 -23.80 24.42 -12.74
N LYS A 271 -22.89 25.26 -13.22
CA LYS A 271 -21.70 24.76 -13.91
C LYS A 271 -20.77 24.04 -12.97
N PHE A 272 -20.67 24.51 -11.73
CA PHE A 272 -19.80 23.87 -10.75
C PHE A 272 -20.24 22.42 -10.50
N TYR A 273 -21.54 22.21 -10.25
CA TYR A 273 -22.01 20.85 -10.02
C TYR A 273 -21.80 19.96 -11.24
N LYS A 274 -21.92 20.52 -12.44
CA LYS A 274 -21.73 19.71 -13.65
C LYS A 274 -20.30 19.25 -13.79
N MET A 275 -19.35 20.15 -13.56
CA MET A 275 -17.94 19.79 -13.73
C MET A 275 -17.50 18.80 -12.67
N ILE A 276 -17.99 18.94 -11.44
CA ILE A 276 -17.67 17.98 -10.40
C ILE A 276 -18.20 16.61 -10.79
N LYS A 277 -19.46 16.54 -11.19
CA LYS A 277 -20.03 15.25 -11.57
C LYS A 277 -19.25 14.63 -12.71
N GLU A 278 -18.84 15.43 -13.69
CA GLU A 278 -18.13 14.89 -14.85
C GLU A 278 -16.70 14.50 -14.52
N GLY A 279 -16.14 15.04 -13.44
CA GLY A 279 -14.82 14.60 -13.05
C GLY A 279 -13.76 15.68 -12.98
N PHE A 280 -14.16 16.95 -12.94
CA PHE A 280 -13.18 18.00 -12.80
C PHE A 280 -12.58 17.97 -11.39
N ARG A 281 -11.26 18.12 -11.32
CA ARG A 281 -10.55 18.14 -10.06
C ARG A 281 -9.51 19.25 -10.09
N MET A 282 -9.22 19.82 -8.92
CA MET A 282 -8.16 20.81 -8.83
C MET A 282 -6.80 20.20 -9.18
N SER A 283 -5.94 21.01 -9.79
CA SER A 283 -4.59 20.55 -10.08
C SER A 283 -3.73 20.66 -8.81
N SER A 284 -2.47 20.23 -8.93
CA SER A 284 -1.58 20.20 -7.77
C SER A 284 -1.21 21.62 -7.34
N PRO A 285 -1.34 21.97 -6.06
CA PRO A 285 -0.89 23.28 -5.61
C PRO A 285 0.63 23.41 -5.69
N GLU A 286 1.08 24.66 -5.67
CA GLU A 286 2.48 24.96 -6.01
C GLU A 286 3.46 24.22 -5.11
N TYR A 287 3.17 24.12 -3.82
CA TYR A 287 4.13 23.56 -2.88
C TYR A 287 3.83 22.11 -2.49
N ALA A 288 2.81 21.50 -3.07
CA ALA A 288 2.46 20.13 -2.71
C ALA A 288 3.49 19.16 -3.27
N PRO A 289 3.99 18.22 -2.47
CA PRO A 289 4.80 17.13 -3.03
C PRO A 289 3.93 16.21 -3.89
N ALA A 290 4.60 15.47 -4.78
CA ALA A 290 3.88 14.58 -5.69
C ALA A 290 3.11 13.48 -4.96
N GLU A 291 3.70 12.93 -3.89
CA GLU A 291 2.99 11.89 -3.12
C GLU A 291 1.85 12.46 -2.28
N MET A 292 1.92 13.75 -1.92
CA MET A 292 0.79 14.39 -1.24
C MET A 292 -0.34 14.65 -2.22
N TYR A 293 -0.03 15.16 -3.41
CA TYR A 293 -1.05 15.34 -4.43
C TYR A 293 -1.66 13.99 -4.84
N ASP A 294 -0.85 12.93 -4.83
CA ASP A 294 -1.39 11.61 -5.13
C ASP A 294 -2.48 11.23 -4.14
N ILE A 295 -2.32 11.61 -2.87
CA ILE A 295 -3.36 11.33 -1.88
C ILE A 295 -4.62 12.14 -2.20
N MET A 296 -4.46 13.41 -2.59
CA MET A 296 -5.62 14.23 -2.93
C MET A 296 -6.45 13.59 -4.05
N LYS A 297 -5.78 13.07 -5.08
CA LYS A 297 -6.50 12.48 -6.20
C LYS A 297 -7.27 11.22 -5.78
N THR A 298 -6.70 10.40 -4.89
CA THR A 298 -7.46 9.25 -4.39
C THR A 298 -8.59 9.69 -3.47
N CYS A 299 -8.40 10.77 -2.71
CA CYS A 299 -9.49 11.31 -1.90
C CYS A 299 -10.65 11.79 -2.75
N TRP A 300 -10.37 12.27 -3.97
CA TRP A 300 -11.37 12.85 -4.85
C TRP A 300 -11.89 11.86 -5.88
N ASP A 301 -11.75 10.56 -5.62
CA ASP A 301 -12.24 9.58 -6.56
C ASP A 301 -13.76 9.58 -6.55
N ALA A 302 -14.34 9.46 -7.75
CA ALA A 302 -15.80 9.44 -7.87
C ALA A 302 -16.39 8.21 -7.19
N ASP A 303 -15.65 7.11 -7.16
CA ASP A 303 -16.11 5.92 -6.46
C ASP A 303 -15.63 5.98 -5.02
N PRO A 304 -16.53 6.02 -4.04
CA PRO A 304 -16.08 6.07 -2.63
C PRO A 304 -15.29 4.86 -2.21
N ASP A 305 -15.56 3.69 -2.80
CA ASP A 305 -14.85 2.47 -2.43
C ASP A 305 -13.39 2.50 -2.87
N LYS A 306 -13.05 3.36 -3.82
CA LYS A 306 -11.66 3.49 -4.25
C LYS A 306 -10.93 4.59 -3.51
N ARG A 307 -11.61 5.32 -2.63
CA ARG A 307 -10.95 6.31 -1.80
C ARG A 307 -10.20 5.62 -0.66
N PRO A 308 -9.07 6.17 -0.25
CA PRO A 308 -8.32 5.58 0.86
C PRO A 308 -9.01 5.84 2.19
N THR A 309 -8.74 4.96 3.15
CA THR A 309 -9.15 5.19 4.52
C THR A 309 -8.16 6.11 5.22
N PHE A 310 -8.61 6.75 6.29
CA PHE A 310 -7.72 7.58 7.07
C PHE A 310 -6.56 6.79 7.66
N LYS A 311 -6.78 5.52 8.00
CA LYS A 311 -5.67 4.69 8.50
C LYS A 311 -4.60 4.52 7.43
N GLN A 312 -5.01 4.32 6.17
CA GLN A 312 -4.05 4.22 5.08
C GLN A 312 -3.33 5.54 4.86
N ILE A 313 -4.05 6.66 4.98
CA ILE A 313 -3.44 7.97 4.78
C ILE A 313 -2.32 8.20 5.81
N VAL A 314 -2.53 7.76 7.05
CA VAL A 314 -1.52 7.98 8.08
C VAL A 314 -0.22 7.27 7.72
N GLN A 315 -0.32 5.98 7.35
CA GLN A 315 0.87 5.21 7.02
C GLN A 315 1.58 5.77 5.79
N ASP A 316 0.83 6.19 4.76
CA ASP A 316 1.44 6.84 3.61
C ASP A 316 2.22 8.08 4.03
N ILE A 317 1.58 8.99 4.78
CA ILE A 317 2.26 10.21 5.20
C ILE A 317 3.40 9.88 6.16
N GLU A 318 3.20 8.87 7.02
CA GLU A 318 4.25 8.50 7.97
C GLU A 318 5.50 8.02 7.24
N LYS A 319 5.33 7.17 6.22
CA LYS A 319 6.46 6.75 5.41
C LYS A 319 7.13 7.95 4.73
N GLN A 320 6.33 8.91 4.26
CA GLN A 320 6.89 10.09 3.59
C GLN A 320 7.81 10.87 4.52
N ILE A 321 7.40 11.08 5.77
CA ILE A 321 8.16 11.93 6.68
C ILE A 321 9.50 11.28 7.03
N SER A 322 9.51 9.97 7.24
CA SER A 322 10.77 9.27 7.49
C SER A 322 11.72 9.39 6.29
N GLU A 323 11.18 9.22 5.07
CA GLU A 323 12.01 9.35 3.87
C GLU A 323 12.47 10.78 3.64
N SER A 324 11.71 11.76 4.14
CA SER A 324 12.03 13.18 3.97
C SER A 324 13.41 13.52 4.53
N GLY B 18 6.63 11.08 -31.64
CA GLY B 18 5.52 10.20 -31.99
C GLY B 18 5.96 8.76 -32.04
N ASN B 19 6.19 8.26 -33.25
CA ASN B 19 6.67 6.90 -33.47
C ASN B 19 8.20 6.81 -33.52
N ASN B 20 8.89 7.92 -33.21
CA ASN B 20 10.35 7.95 -33.34
C ASN B 20 11.05 7.18 -32.24
N TYR B 21 10.48 7.11 -31.04
CA TYR B 21 11.05 6.40 -29.92
C TYR B 21 10.22 5.16 -29.62
N SER B 22 10.88 4.08 -29.20
CA SER B 22 10.15 2.87 -28.90
C SER B 22 11.00 2.00 -27.96
N TYR B 23 10.34 1.03 -27.35
CA TYR B 23 11.03 0.05 -26.51
C TYR B 23 11.58 -1.07 -27.38
N ILE B 24 12.85 -1.41 -27.16
CA ILE B 24 13.49 -2.47 -27.91
C ILE B 24 13.02 -3.82 -27.38
N ASP B 25 12.51 -4.65 -28.28
CA ASP B 25 12.04 -5.97 -27.90
C ASP B 25 13.21 -6.95 -27.95
N PRO B 26 13.62 -7.54 -26.81
CA PRO B 26 14.77 -8.45 -26.84
C PRO B 26 14.58 -9.68 -27.73
N THR B 27 13.35 -10.18 -27.85
CA THR B 27 13.09 -11.32 -28.73
C THR B 27 13.13 -10.93 -30.20
N GLN B 28 12.99 -9.64 -30.52
CA GLN B 28 13.15 -9.19 -31.90
C GLN B 28 14.62 -9.00 -32.29
N LEU B 29 15.53 -8.91 -31.32
CA LEU B 29 16.93 -8.71 -31.62
C LEU B 29 17.52 -9.95 -32.28
N PRO B 30 18.51 -9.80 -33.15
CA PRO B 30 19.12 -10.96 -33.79
C PRO B 30 20.03 -11.71 -32.82
N TYR B 31 20.21 -13.00 -33.09
CA TYR B 31 21.02 -13.85 -32.23
C TYR B 31 22.49 -13.45 -32.34
N ASP B 32 23.10 -13.16 -31.20
CA ASP B 32 24.51 -12.78 -31.16
C ASP B 32 25.39 -14.04 -31.22
N HIS B 33 26.22 -14.15 -32.25
CA HIS B 33 27.05 -15.33 -32.42
C HIS B 33 28.24 -15.39 -31.45
N LYS B 34 28.39 -14.41 -30.54
CA LYS B 34 29.39 -14.57 -29.50
C LYS B 34 29.07 -15.73 -28.56
N TRP B 35 27.81 -16.14 -28.49
CA TRP B 35 27.39 -17.30 -27.71
C TRP B 35 27.62 -18.62 -28.43
N GLU B 36 27.95 -18.60 -29.72
CA GLU B 36 27.97 -19.83 -30.49
C GLU B 36 29.07 -20.76 -30.01
N PHE B 37 28.70 -22.03 -29.79
CA PHE B 37 29.59 -23.08 -29.32
C PHE B 37 29.41 -24.30 -30.20
N PRO B 38 30.49 -24.94 -30.64
CA PRO B 38 30.37 -26.04 -31.59
C PRO B 38 29.67 -27.25 -30.98
N ARG B 39 28.74 -27.82 -31.75
CA ARG B 39 27.91 -28.94 -31.30
C ARG B 39 28.72 -30.19 -30.99
N ASN B 40 29.83 -30.42 -31.71
CA ASN B 40 30.61 -31.64 -31.53
C ASN B 40 31.43 -31.64 -30.24
N ARG B 41 31.57 -30.51 -29.56
CA ARG B 41 32.27 -30.47 -28.29
C ARG B 41 31.32 -30.62 -27.10
N LEU B 42 30.05 -30.93 -27.36
CA LEU B 42 29.07 -31.21 -26.32
C LEU B 42 28.82 -32.71 -26.28
N SER B 43 28.93 -33.29 -25.09
CA SER B 43 28.64 -34.70 -24.86
CA SER B 43 28.64 -34.70 -24.86
C SER B 43 27.54 -34.82 -23.82
N PHE B 44 26.38 -35.32 -24.24
CA PHE B 44 25.22 -35.37 -23.37
C PHE B 44 25.34 -36.48 -22.33
N GLY B 45 24.90 -36.19 -21.11
CA GLY B 45 24.83 -37.17 -20.05
C GLY B 45 23.41 -37.47 -19.62
N LYS B 46 23.12 -37.35 -18.33
CA LYS B 46 21.81 -37.71 -17.79
C LYS B 46 20.79 -36.61 -18.04
N THR B 47 19.54 -37.04 -18.23
CA THR B 47 18.43 -36.12 -18.43
C THR B 47 18.05 -35.49 -17.08
N LEU B 48 18.05 -34.15 -17.04
CA LEU B 48 17.68 -33.45 -15.80
C LEU B 48 16.18 -33.20 -15.74
N GLY B 49 15.56 -32.96 -16.88
CA GLY B 49 14.13 -32.76 -16.94
C GLY B 49 13.62 -33.15 -18.31
N ALA B 50 12.39 -33.64 -18.36
CA ALA B 50 11.83 -34.13 -19.61
C ALA B 50 10.37 -33.72 -19.73
N GLY B 51 9.99 -33.29 -20.93
CA GLY B 51 8.61 -32.98 -21.24
C GLY B 51 8.14 -33.62 -22.54
N ALA B 52 6.94 -33.25 -23.00
CA ALA B 52 6.41 -33.86 -24.22
C ALA B 52 7.22 -33.44 -25.44
N PHE B 53 7.66 -32.18 -25.48
CA PHE B 53 8.34 -31.65 -26.65
C PHE B 53 9.80 -31.28 -26.39
N GLY B 54 10.26 -31.28 -25.15
CA GLY B 54 11.62 -30.87 -24.87
C GLY B 54 12.19 -31.56 -23.65
N LYS B 55 13.51 -31.45 -23.50
CA LYS B 55 14.19 -31.97 -22.33
C LYS B 55 15.42 -31.12 -22.04
N VAL B 56 15.91 -31.23 -20.80
CA VAL B 56 17.14 -30.59 -20.35
C VAL B 56 18.08 -31.68 -19.88
N VAL B 57 19.31 -31.65 -20.37
CA VAL B 57 20.26 -32.72 -20.09
C VAL B 57 21.52 -32.13 -19.46
N GLU B 58 22.13 -32.90 -18.57
CA GLU B 58 23.47 -32.59 -18.12
C GLU B 58 24.44 -32.94 -19.23
N ALA B 59 25.47 -32.11 -19.41
CA ALA B 59 26.41 -32.35 -20.49
C ALA B 59 27.81 -31.87 -20.10
N THR B 60 28.79 -32.32 -20.86
CA THR B 60 30.16 -31.81 -20.78
C THR B 60 30.43 -30.94 -21.99
N ALA B 61 30.99 -29.75 -21.75
CA ALA B 61 31.33 -28.81 -22.81
C ALA B 61 32.85 -28.64 -22.80
N GLN B 62 33.51 -29.08 -23.88
CA GLN B 62 34.96 -29.09 -23.94
C GLN B 62 35.47 -27.77 -24.52
N GLY B 63 36.29 -27.05 -23.75
CA GLY B 63 36.82 -25.78 -24.21
C GLY B 63 35.88 -24.59 -24.09
N LEU B 64 34.83 -24.68 -23.28
CA LEU B 64 33.89 -23.57 -23.11
C LEU B 64 34.48 -22.44 -22.27
N ILE B 65 35.04 -22.79 -21.11
CA ILE B 65 35.67 -21.81 -20.23
C ILE B 65 37.18 -21.76 -20.44
N LYS B 66 37.86 -22.90 -20.36
CA LYS B 66 39.29 -23.00 -20.64
C LYS B 66 39.50 -24.02 -21.75
N SER B 67 40.39 -23.70 -22.69
CA SER B 67 40.61 -24.57 -23.83
C SER B 67 41.10 -25.95 -23.40
N ASP B 68 41.77 -26.02 -22.25
CA ASP B 68 42.34 -27.29 -21.77
C ASP B 68 41.35 -28.11 -20.97
N ALA B 69 40.46 -27.47 -20.21
CA ALA B 69 39.58 -28.16 -19.27
C ALA B 69 38.16 -28.30 -19.81
N ALA B 70 37.42 -29.22 -19.18
CA ALA B 70 36.04 -29.53 -19.54
C ALA B 70 35.10 -29.10 -18.43
N MET B 71 33.95 -28.55 -18.81
CA MET B 71 33.02 -27.96 -17.87
C MET B 71 31.68 -28.66 -17.95
N THR B 72 31.15 -29.05 -16.79
CA THR B 72 29.83 -29.64 -16.73
C THR B 72 28.80 -28.53 -16.82
N VAL B 73 27.88 -28.64 -17.78
CA VAL B 73 26.87 -27.64 -18.04
C VAL B 73 25.52 -28.34 -18.15
N ALA B 74 24.47 -27.53 -18.30
CA ALA B 74 23.13 -27.99 -18.65
C ALA B 74 22.77 -27.51 -20.05
N VAL B 75 22.08 -28.36 -20.80
CA VAL B 75 21.70 -28.08 -22.18
C VAL B 75 20.19 -28.21 -22.31
N LYS B 76 19.54 -27.12 -22.71
CA LYS B 76 18.10 -27.11 -22.96
C LYS B 76 17.87 -27.29 -24.47
N MET B 77 17.07 -28.29 -24.83
CA MET B 77 16.87 -28.63 -26.23
C MET B 77 15.44 -29.13 -26.43
N LEU B 78 15.02 -29.17 -27.69
CA LEU B 78 13.70 -29.65 -28.06
C LEU B 78 13.78 -31.02 -28.73
N LYS B 79 12.69 -31.77 -28.59
CA LYS B 79 12.59 -33.08 -29.20
C LYS B 79 12.35 -32.96 -30.70
N PRO B 80 12.67 -34.01 -31.47
CA PRO B 80 12.43 -33.94 -32.92
C PRO B 80 10.99 -33.69 -33.30
N SER B 81 10.04 -34.17 -32.51
CA SER B 81 8.62 -34.03 -32.81
C SER B 81 8.08 -32.62 -32.54
N ALA B 82 8.92 -31.70 -32.07
CA ALA B 82 8.43 -30.42 -31.60
C ALA B 82 7.91 -29.57 -32.75
N HIS B 83 6.85 -28.82 -32.48
CA HIS B 83 6.25 -27.89 -33.42
C HIS B 83 7.12 -26.64 -33.55
N SER B 84 6.90 -25.91 -34.65
CA SER B 84 7.72 -24.73 -34.92
C SER B 84 7.52 -23.66 -33.86
N THR B 85 6.31 -23.52 -33.33
CA THR B 85 6.06 -22.52 -32.30
C THR B 85 6.86 -22.81 -31.04
N GLU B 86 7.01 -24.09 -30.67
CA GLU B 86 7.87 -24.47 -29.56
C GLU B 86 9.34 -24.18 -29.88
N ARG B 87 9.74 -24.31 -31.16
CA ARG B 87 11.10 -23.95 -31.54
C ARG B 87 11.33 -22.44 -31.48
N GLU B 88 10.32 -21.65 -31.85
CA GLU B 88 10.42 -20.20 -31.69
C GLU B 88 10.54 -19.80 -30.22
N ALA B 89 9.85 -20.52 -29.33
CA ALA B 89 9.87 -20.17 -27.92
C ALA B 89 11.23 -20.39 -27.31
N LEU B 90 11.94 -21.45 -27.72
CA LEU B 90 13.28 -21.69 -27.19
C LEU B 90 14.23 -20.60 -27.64
N MET B 91 14.24 -20.27 -28.93
CA MET B 91 15.09 -19.18 -29.42
C MET B 91 14.76 -17.86 -28.73
N SER B 92 13.48 -17.62 -28.41
CA SER B 92 13.10 -16.41 -27.69
CA SER B 92 13.10 -16.41 -27.69
C SER B 92 13.70 -16.39 -26.28
N GLU B 93 13.65 -17.52 -25.57
CA GLU B 93 14.22 -17.57 -24.23
C GLU B 93 15.73 -17.34 -24.27
N LEU B 94 16.39 -17.87 -25.31
CA LEU B 94 17.81 -17.61 -25.48
C LEU B 94 18.08 -16.12 -25.66
N LYS B 95 17.21 -15.44 -26.42
CA LYS B 95 17.42 -14.01 -26.65
C LYS B 95 17.12 -13.20 -25.40
N VAL B 96 16.09 -13.61 -24.64
CA VAL B 96 15.81 -12.99 -23.35
C VAL B 96 16.99 -13.17 -22.41
N LEU B 97 17.50 -14.40 -22.32
CA LEU B 97 18.65 -14.66 -21.45
C LEU B 97 19.88 -13.88 -21.88
N SER B 98 20.06 -13.68 -23.19
CA SER B 98 21.22 -12.93 -23.68
CA SER B 98 21.22 -12.94 -23.66
C SER B 98 21.13 -11.46 -23.33
N TYR B 99 19.92 -10.89 -23.42
CA TYR B 99 19.74 -9.47 -23.12
C TYR B 99 19.76 -9.21 -21.63
N LEU B 100 19.34 -10.21 -20.84
CA LEU B 100 19.17 -10.03 -19.41
C LEU B 100 20.49 -9.70 -18.72
N GLY B 101 21.58 -10.30 -19.19
CA GLY B 101 22.84 -10.16 -18.53
C GLY B 101 23.05 -11.24 -17.50
N ASN B 102 24.24 -11.20 -16.89
CA ASN B 102 24.64 -12.22 -15.93
C ASN B 102 24.25 -11.82 -14.52
N HIS B 103 23.81 -12.80 -13.73
CA HIS B 103 23.52 -12.56 -12.32
C HIS B 103 23.78 -13.83 -11.51
N GLU B 104 24.24 -13.64 -10.28
CA GLU B 104 24.61 -14.77 -9.44
C GLU B 104 23.42 -15.64 -9.09
N ASN B 105 22.21 -15.07 -9.06
CA ASN B 105 21.03 -15.78 -8.58
C ASN B 105 20.08 -16.21 -9.69
N ILE B 106 20.56 -16.26 -10.93
CA ILE B 106 19.83 -16.87 -12.03
C ILE B 106 20.71 -17.93 -12.67
N VAL B 107 20.07 -18.92 -13.29
CA VAL B 107 20.79 -19.89 -14.10
C VAL B 107 21.21 -19.18 -15.38
N ASN B 108 22.50 -18.86 -15.50
CA ASN B 108 22.97 -17.96 -16.54
C ASN B 108 23.19 -18.68 -17.86
N LEU B 109 23.14 -17.90 -18.93
CA LEU B 109 23.42 -18.41 -20.26
C LEU B 109 24.93 -18.55 -20.44
N LEU B 110 25.37 -19.71 -20.93
CA LEU B 110 26.79 -19.95 -21.17
C LEU B 110 27.14 -20.05 -22.65
N GLY B 111 26.18 -20.35 -23.50
CA GLY B 111 26.45 -20.54 -24.91
C GLY B 111 25.23 -21.11 -25.60
N ALA B 112 25.37 -21.28 -26.92
CA ALA B 112 24.28 -21.76 -27.76
C ALA B 112 24.86 -22.52 -28.94
N CYS B 113 24.09 -23.48 -29.44
CA CYS B 113 24.38 -24.17 -30.70
C CYS B 113 23.24 -23.87 -31.66
N THR B 114 23.55 -23.22 -32.78
CA THR B 114 22.55 -22.85 -33.77
C THR B 114 22.88 -23.25 -35.19
N HIS B 115 24.15 -23.50 -35.52
CA HIS B 115 24.54 -23.75 -36.91
C HIS B 115 24.23 -25.18 -37.32
N GLY B 116 24.77 -26.15 -36.60
CA GLY B 116 24.75 -27.52 -37.07
C GLY B 116 23.40 -28.21 -37.06
N GLY B 117 22.34 -27.53 -36.64
CA GLY B 117 21.02 -28.13 -36.58
C GLY B 117 20.11 -27.44 -35.60
N PRO B 118 19.36 -28.23 -34.83
CA PRO B 118 18.38 -27.65 -33.90
C PRO B 118 19.06 -26.86 -32.78
N THR B 119 18.33 -25.89 -32.25
CA THR B 119 18.89 -24.98 -31.26
C THR B 119 19.19 -25.71 -29.95
N LEU B 120 20.41 -25.50 -29.45
CA LEU B 120 20.82 -25.95 -28.11
C LEU B 120 21.20 -24.73 -27.28
N VAL B 121 20.58 -24.57 -26.11
CA VAL B 121 20.89 -23.49 -25.19
C VAL B 121 21.69 -24.06 -24.03
N ILE B 122 22.92 -23.57 -23.86
CA ILE B 122 23.82 -24.04 -22.81
C ILE B 122 23.70 -23.10 -21.62
N ILE B 123 23.34 -23.66 -20.45
CA ILE B 123 23.13 -22.89 -19.24
C ILE B 123 23.91 -23.52 -18.09
N GLU B 124 24.06 -22.74 -17.01
CA GLU B 124 24.78 -23.22 -15.83
C GLU B 124 24.09 -24.44 -15.22
N TYR B 125 24.90 -25.41 -14.82
CA TYR B 125 24.44 -26.63 -14.18
C TYR B 125 24.54 -26.49 -12.66
N CYS B 126 23.45 -26.79 -11.96
CA CYS B 126 23.36 -26.67 -10.50
C CYS B 126 23.35 -28.06 -9.88
N CYS B 127 24.38 -28.39 -9.10
CA CYS B 127 24.62 -29.79 -8.75
C CYS B 127 23.55 -30.38 -7.83
N TYR B 128 22.89 -29.56 -7.02
CA TYR B 128 21.94 -30.09 -6.05
C TYR B 128 20.51 -30.13 -6.56
N GLY B 129 20.23 -29.64 -7.77
CA GLY B 129 18.89 -29.71 -8.29
C GLY B 129 17.94 -28.66 -7.70
N ASP B 130 16.65 -28.91 -7.89
CA ASP B 130 15.64 -27.92 -7.55
C ASP B 130 15.44 -27.84 -6.04
N LEU B 131 15.02 -26.66 -5.59
CA LEU B 131 14.87 -26.41 -4.16
C LEU B 131 13.71 -27.18 -3.55
N LEU B 132 12.65 -27.41 -4.32
CA LEU B 132 11.49 -28.13 -3.78
C LEU B 132 11.87 -29.54 -3.34
N ASN B 133 12.52 -30.31 -4.22
CA ASN B 133 12.93 -31.65 -3.84
C ASN B 133 14.03 -31.63 -2.79
N PHE B 134 14.91 -30.64 -2.85
CA PHE B 134 15.95 -30.53 -1.84
C PHE B 134 15.34 -30.34 -0.46
N LEU B 135 14.35 -29.44 -0.35
CA LEU B 135 13.69 -29.23 0.93
C LEU B 135 13.00 -30.50 1.41
N ARG B 136 12.51 -31.33 0.48
CA ARG B 136 11.82 -32.53 0.89
C ARG B 136 12.78 -33.64 1.33
N ARG B 137 13.99 -33.68 0.77
CA ARG B 137 15.02 -34.58 1.30
C ARG B 137 15.37 -34.22 2.73
N LYS B 138 15.43 -32.93 3.02
CA LYS B 138 15.96 -32.41 4.28
C LYS B 138 14.90 -32.20 5.35
N ARG B 139 13.63 -32.46 5.04
CA ARG B 139 12.56 -32.14 5.98
C ARG B 139 12.71 -32.92 7.28
N ASP B 140 13.01 -34.21 7.20
CA ASP B 140 13.13 -35.02 8.39
C ASP B 140 14.33 -34.64 9.26
N GLU B 141 15.35 -34.02 8.69
CA GLU B 141 16.57 -33.70 9.41
C GLU B 141 16.78 -32.19 9.47
N PHE B 142 15.70 -31.44 9.74
CA PHE B 142 15.76 -29.98 9.79
C PHE B 142 15.73 -29.53 11.24
N VAL B 143 16.68 -28.66 11.60
CA VAL B 143 16.72 -28.06 12.94
C VAL B 143 16.78 -26.53 12.78
N PRO B 144 15.90 -25.77 13.44
CA PRO B 144 15.94 -24.31 13.26
C PRO B 144 17.27 -23.67 13.65
N TYR B 145 17.92 -24.16 14.70
CA TYR B 145 19.18 -23.58 15.18
C TYR B 145 20.23 -24.67 15.34
N LYS B 146 21.44 -24.41 14.83
CA LYS B 146 22.56 -25.35 14.91
C LYS B 146 22.90 -25.72 16.36
N ASP B 155 25.74 -30.54 7.49
CA ASP B 155 24.77 -31.52 7.02
C ASP B 155 23.33 -31.04 7.18
N PHE B 156 22.98 -30.61 8.38
CA PHE B 156 21.60 -30.28 8.69
C PHE B 156 21.20 -28.93 8.09
N LEU B 157 19.90 -28.76 7.91
CA LEU B 157 19.31 -27.53 7.39
C LEU B 157 18.73 -26.71 8.54
N THR B 158 18.87 -25.38 8.45
CA THR B 158 18.50 -24.48 9.54
C THR B 158 17.65 -23.32 9.03
N LEU B 159 17.13 -22.55 9.99
CA LEU B 159 16.41 -21.33 9.66
C LEU B 159 17.30 -20.37 8.88
N GLU B 160 18.58 -20.29 9.26
CA GLU B 160 19.51 -19.39 8.59
C GLU B 160 19.59 -19.71 7.11
N HIS B 161 19.57 -21.00 6.74
CA HIS B 161 19.58 -21.40 5.34
C HIS B 161 18.32 -20.92 4.63
N LEU B 162 17.16 -21.25 5.20
CA LEU B 162 15.89 -20.76 4.66
C LEU B 162 15.89 -19.25 4.48
N LEU B 163 16.41 -18.53 5.48
CA LEU B 163 16.49 -17.09 5.37
C LEU B 163 17.43 -16.66 4.25
N SER B 164 18.53 -17.40 4.08
CA SER B 164 19.47 -17.07 2.99
C SER B 164 18.83 -17.32 1.63
N PHE B 165 18.04 -18.39 1.52
CA PHE B 165 17.44 -18.73 0.23
C PHE B 165 16.43 -17.67 -0.19
N SER B 166 15.54 -17.26 0.74
CA SER B 166 14.55 -16.26 0.41
C SER B 166 15.19 -14.93 0.06
N TYR B 167 16.33 -14.61 0.68
CA TYR B 167 17.07 -13.40 0.32
C TYR B 167 17.62 -13.49 -1.10
N GLN B 168 18.18 -14.64 -1.46
CA GLN B 168 18.81 -14.76 -2.77
C GLN B 168 17.78 -14.78 -3.89
N VAL B 169 16.67 -15.50 -3.70
CA VAL B 169 15.62 -15.53 -4.73
C VAL B 169 15.06 -14.13 -4.95
N ALA B 170 14.89 -13.37 -3.87
CA ALA B 170 14.41 -12.00 -4.01
C ALA B 170 15.41 -11.10 -4.73
N LYS B 171 16.72 -11.37 -4.59
CA LYS B 171 17.70 -10.61 -5.35
C LYS B 171 17.63 -10.91 -6.84
N GLY B 172 17.46 -12.19 -7.19
CA GLY B 172 17.34 -12.55 -8.58
C GLY B 172 16.08 -11.96 -9.22
N MET B 173 14.97 -11.98 -8.49
CA MET B 173 13.74 -11.40 -9.02
C MET B 173 13.84 -9.89 -9.10
N ALA B 174 14.51 -9.27 -8.12
CA ALA B 174 14.74 -7.83 -8.21
C ALA B 174 15.58 -7.50 -9.44
N PHE B 175 16.53 -8.36 -9.76
CA PHE B 175 17.34 -8.14 -10.96
C PHE B 175 16.48 -8.23 -12.22
N LEU B 176 15.57 -9.21 -12.28
CA LEU B 176 14.65 -9.30 -13.42
C LEU B 176 13.79 -8.05 -13.53
N ALA B 177 13.20 -7.61 -12.42
CA ALA B 177 12.35 -6.43 -12.48
C ALA B 177 13.13 -5.20 -12.92
N SER B 178 14.40 -5.09 -12.51
CA SER B 178 15.20 -3.95 -12.93
C SER B 178 15.45 -3.95 -14.43
N LYS B 179 15.44 -5.12 -15.05
CA LYS B 179 15.55 -5.24 -16.51
C LYS B 179 14.18 -5.31 -17.17
N ASN B 180 13.12 -4.93 -16.46
CA ASN B 180 11.75 -4.90 -16.99
C ASN B 180 11.32 -6.27 -17.50
N CYS B 181 11.59 -7.31 -16.71
CA CYS B 181 11.26 -8.68 -17.08
CA CYS B 181 11.25 -8.68 -17.08
C CYS B 181 10.43 -9.33 -15.98
N ILE B 182 9.50 -10.20 -16.40
CA ILE B 182 8.68 -10.99 -15.49
C ILE B 182 8.88 -12.46 -15.79
N HIS B 183 8.88 -13.28 -14.74
CA HIS B 183 9.20 -14.69 -14.92
C HIS B 183 7.95 -15.49 -15.27
N ARG B 184 6.87 -15.28 -14.51
CA ARG B 184 5.54 -15.85 -14.70
C ARG B 184 5.44 -17.31 -14.28
N ASP B 185 6.52 -17.93 -13.76
CA ASP B 185 6.41 -19.27 -13.21
C ASP B 185 7.37 -19.43 -12.04
N LEU B 186 7.46 -18.40 -11.19
CA LEU B 186 8.30 -18.45 -10.01
C LEU B 186 7.73 -19.45 -9.00
N ALA B 187 8.54 -20.42 -8.59
CA ALA B 187 8.12 -21.49 -7.68
C ALA B 187 9.36 -22.21 -7.18
N ALA B 188 9.19 -22.97 -6.09
CA ALA B 188 10.32 -23.71 -5.52
C ALA B 188 10.87 -24.74 -6.51
N ARG B 189 10.03 -25.32 -7.36
CA ARG B 189 10.52 -26.25 -8.37
C ARG B 189 11.43 -25.57 -9.39
N ASN B 190 11.28 -24.26 -9.61
CA ASN B 190 12.11 -23.53 -10.56
C ASN B 190 13.23 -22.75 -9.88
N ILE B 191 13.60 -23.12 -8.65
CA ILE B 191 14.77 -22.57 -7.97
C ILE B 191 15.77 -23.71 -7.80
N LEU B 192 16.98 -23.50 -8.30
CA LEU B 192 18.01 -24.53 -8.27
C LEU B 192 19.08 -24.17 -7.24
N LEU B 193 19.78 -25.18 -6.77
CA LEU B 193 20.80 -25.05 -5.73
C LEU B 193 22.13 -25.55 -6.26
N THR B 194 23.15 -24.71 -6.18
CA THR B 194 24.49 -25.10 -6.62
C THR B 194 25.45 -25.02 -5.44
N HIS B 195 26.75 -25.01 -5.72
CA HIS B 195 27.74 -24.99 -4.65
C HIS B 195 27.65 -23.70 -3.84
N GLY B 196 28.01 -23.79 -2.57
CA GLY B 196 28.02 -22.63 -1.70
C GLY B 196 26.66 -22.18 -1.22
N ASN B 197 25.64 -23.02 -1.31
CA ASN B 197 24.27 -22.70 -0.87
C ASN B 197 23.74 -21.48 -1.63
N ILE B 198 24.14 -21.35 -2.88
CA ILE B 198 23.66 -20.29 -3.74
C ILE B 198 22.50 -20.81 -4.57
N THR B 199 21.39 -20.07 -4.55
CA THR B 199 20.18 -20.42 -5.27
C THR B 199 20.12 -19.66 -6.59
N LYS B 200 19.57 -20.31 -7.61
CA LYS B 200 19.50 -19.74 -8.97
C LYS B 200 18.11 -19.98 -9.54
N ILE B 201 17.51 -18.92 -10.08
CA ILE B 201 16.24 -19.03 -10.77
C ILE B 201 16.49 -19.58 -12.17
N CYS B 202 15.71 -20.59 -12.56
CA CYS B 202 15.85 -21.21 -13.87
C CYS B 202 14.51 -21.19 -14.59
N ASP B 203 14.50 -21.78 -15.79
CA ASP B 203 13.32 -21.94 -16.62
C ASP B 203 12.73 -20.58 -16.99
N PHE B 204 13.30 -19.94 -18.00
CA PHE B 204 12.80 -18.67 -18.51
C PHE B 204 11.96 -18.85 -19.77
N GLY B 205 11.30 -19.99 -19.94
CA GLY B 205 10.56 -20.23 -21.17
C GLY B 205 9.34 -19.34 -21.31
N LEU B 206 8.86 -18.78 -20.20
CA LEU B 206 7.72 -17.87 -20.19
C LEU B 206 8.11 -16.46 -19.75
N ALA B 207 9.39 -16.18 -19.61
CA ALA B 207 9.81 -14.85 -19.18
C ALA B 207 9.54 -13.85 -20.30
N ARG B 208 8.91 -12.74 -19.95
CA ARG B 208 8.53 -11.70 -20.88
C ARG B 208 9.20 -10.40 -20.50
N ASP B 209 9.17 -9.45 -21.44
CA ASP B 209 9.55 -8.06 -21.21
C ASP B 209 8.27 -7.23 -21.25
N ILE B 210 8.00 -6.51 -20.17
CA ILE B 210 6.73 -5.79 -20.03
C ILE B 210 6.83 -4.33 -20.44
N LYS B 211 7.98 -3.88 -20.95
CA LYS B 211 8.25 -2.45 -21.03
C LYS B 211 7.19 -1.71 -21.84
N ASN B 212 6.69 -2.33 -22.91
CA ASN B 212 5.85 -1.61 -23.86
C ASN B 212 4.49 -1.24 -23.24
N ASP B 213 3.81 -2.21 -22.63
CA ASP B 213 2.48 -2.00 -22.10
C ASP B 213 2.40 -2.10 -20.58
N SER B 214 3.52 -2.30 -19.89
CA SER B 214 3.64 -2.47 -18.44
C SER B 214 2.86 -3.67 -17.91
N ASN B 215 2.42 -4.57 -18.78
CA ASN B 215 1.83 -5.85 -18.40
C ASN B 215 1.90 -6.78 -19.61
N TYR B 216 1.71 -8.07 -19.36
CA TYR B 216 1.64 -9.08 -20.42
C TYR B 216 0.30 -9.80 -20.35
N VAL B 217 -0.38 -9.90 -21.48
CA VAL B 217 -1.65 -10.61 -21.58
C VAL B 217 -1.41 -11.92 -22.31
N ASP B 218 -1.70 -13.03 -21.63
CA ASP B 218 -1.48 -14.37 -22.17
C ASP B 218 -2.69 -14.80 -22.97
N LYS B 219 -2.53 -14.97 -24.28
CA LYS B 219 -3.56 -15.52 -25.14
C LYS B 219 -3.38 -17.01 -25.37
N GLY B 220 -2.31 -17.60 -24.83
CA GLY B 220 -2.06 -19.02 -25.01
C GLY B 220 -3.07 -19.89 -24.30
N ASN B 221 -2.96 -21.20 -24.57
CA ASN B 221 -3.87 -22.20 -24.03
C ASN B 221 -3.05 -23.41 -23.59
N ALA B 222 -2.30 -23.24 -22.50
CA ALA B 222 -1.46 -24.29 -21.96
C ALA B 222 -1.77 -24.46 -20.48
N ARG B 223 -1.31 -25.59 -19.92
CA ARG B 223 -1.49 -25.86 -18.50
C ARG B 223 -0.78 -24.82 -17.66
N LEU B 224 -1.43 -24.35 -16.60
CA LEU B 224 -0.91 -23.25 -15.82
C LEU B 224 -0.76 -23.64 -14.34
N PRO B 225 0.22 -23.06 -13.65
CA PRO B 225 0.41 -23.31 -12.20
C PRO B 225 -0.52 -22.45 -11.34
N VAL B 226 -1.78 -22.88 -11.30
CA VAL B 226 -2.85 -22.06 -10.73
C VAL B 226 -2.53 -21.66 -9.29
N LYS B 227 -1.99 -22.58 -8.48
CA LYS B 227 -1.84 -22.30 -7.06
C LYS B 227 -0.72 -21.30 -6.77
N TRP B 228 0.11 -20.99 -7.76
CA TRP B 228 1.15 -19.98 -7.64
C TRP B 228 0.75 -18.66 -8.30
N MET B 229 -0.40 -18.60 -8.95
CA MET B 229 -0.79 -17.46 -9.77
C MET B 229 -1.60 -16.45 -8.97
N ALA B 230 -1.35 -15.17 -9.26
CA ALA B 230 -2.14 -14.09 -8.70
C ALA B 230 -3.58 -14.17 -9.21
N PRO B 231 -4.53 -13.60 -8.47
CA PRO B 231 -5.93 -13.64 -8.93
C PRO B 231 -6.13 -13.00 -10.30
N GLU B 232 -5.52 -11.84 -10.54
CA GLU B 232 -5.73 -11.17 -11.81
C GLU B 232 -5.15 -11.98 -12.97
N SER B 233 -4.14 -12.81 -12.70
CA SER B 233 -3.62 -13.69 -13.74
C SER B 233 -4.59 -14.83 -14.03
N ILE B 234 -5.26 -15.33 -13.00
CA ILE B 234 -6.23 -16.41 -13.20
C ILE B 234 -7.47 -15.88 -13.91
N PHE B 235 -8.01 -14.76 -13.43
CA PHE B 235 -9.29 -14.25 -13.92
C PHE B 235 -9.18 -13.44 -15.19
N ASN B 236 -8.06 -12.73 -15.42
CA ASN B 236 -7.91 -11.85 -16.58
C ASN B 236 -6.66 -12.11 -17.41
N SER B 237 -5.88 -13.14 -17.08
CA SER B 237 -4.68 -13.48 -17.85
C SER B 237 -3.70 -12.32 -17.88
N VAL B 238 -3.63 -11.56 -16.80
CA VAL B 238 -2.77 -10.39 -16.70
C VAL B 238 -1.54 -10.74 -15.86
N TYR B 239 -0.36 -10.48 -16.40
CA TYR B 239 0.89 -10.74 -15.70
C TYR B 239 1.69 -9.45 -15.60
N THR B 240 2.25 -9.19 -14.41
CA THR B 240 2.92 -7.94 -14.12
C THR B 240 4.10 -8.20 -13.18
N PHE B 241 4.81 -7.12 -12.83
CA PHE B 241 5.75 -7.20 -11.72
C PHE B 241 5.05 -7.67 -10.45
N GLU B 242 3.80 -7.24 -10.26
CA GLU B 242 3.10 -7.55 -9.01
C GLU B 242 2.67 -9.01 -8.97
N SER B 243 2.27 -9.58 -10.12
CA SER B 243 1.90 -10.99 -10.11
C SER B 243 3.11 -11.88 -9.85
N ASP B 244 4.30 -11.47 -10.27
CA ASP B 244 5.51 -12.20 -9.91
C ASP B 244 5.74 -12.13 -8.40
N VAL B 245 5.46 -10.98 -7.79
CA VAL B 245 5.60 -10.86 -6.34
C VAL B 245 4.62 -11.78 -5.62
N TRP B 246 3.41 -11.93 -6.16
CA TRP B 246 2.46 -12.86 -5.57
C TRP B 246 3.02 -14.28 -5.55
N SER B 247 3.52 -14.74 -6.71
CA SER B 247 4.12 -16.08 -6.77
C SER B 247 5.31 -16.21 -5.82
N TYR B 248 6.07 -15.14 -5.63
CA TYR B 248 7.15 -15.20 -4.67
C TYR B 248 6.61 -15.47 -3.27
N GLY B 249 5.48 -14.86 -2.92
CA GLY B 249 4.87 -15.12 -1.63
C GLY B 249 4.46 -16.57 -1.47
N ILE B 250 3.90 -17.16 -2.53
CA ILE B 250 3.60 -18.58 -2.49
C ILE B 250 4.88 -19.39 -2.33
N PHE B 251 5.96 -18.94 -2.98
CA PHE B 251 7.24 -19.63 -2.84
C PHE B 251 7.74 -19.57 -1.41
N LEU B 252 7.58 -18.41 -0.74
CA LEU B 252 7.99 -18.32 0.66
C LEU B 252 7.26 -19.35 1.52
N TRP B 253 5.98 -19.56 1.23
CA TRP B 253 5.23 -20.56 1.99
C TRP B 253 5.79 -21.96 1.74
N GLU B 254 6.13 -22.27 0.48
CA GLU B 254 6.83 -23.53 0.20
C GLU B 254 8.12 -23.62 0.98
N LEU B 255 8.89 -22.53 1.01
CA LEU B 255 10.21 -22.57 1.61
C LEU B 255 10.12 -22.89 3.09
N PHE B 256 9.31 -22.13 3.82
CA PHE B 256 9.27 -22.28 5.27
C PHE B 256 8.39 -23.43 5.73
N SER B 257 7.65 -24.07 4.81
CA SER B 257 6.93 -25.30 5.12
C SER B 257 7.73 -26.53 4.73
N LEU B 258 8.95 -26.34 4.23
CA LEU B 258 9.88 -27.43 3.92
C LEU B 258 9.33 -28.32 2.81
N GLY B 259 8.85 -27.70 1.74
CA GLY B 259 8.45 -28.44 0.56
C GLY B 259 7.02 -28.92 0.52
N SER B 260 6.14 -28.36 1.33
CA SER B 260 4.74 -28.76 1.29
C SER B 260 4.05 -28.20 0.06
N SER B 261 3.02 -28.89 -0.39
CA SER B 261 2.24 -28.39 -1.51
C SER B 261 1.37 -27.23 -1.04
N PRO B 262 1.27 -26.16 -1.83
CA PRO B 262 0.44 -25.02 -1.42
C PRO B 262 -1.03 -25.39 -1.36
N TYR B 263 -1.75 -24.71 -0.48
CA TYR B 263 -3.17 -24.95 -0.25
C TYR B 263 -3.41 -26.44 -0.05
N PRO B 264 -2.86 -27.03 1.00
CA PRO B 264 -2.94 -28.49 1.16
C PRO B 264 -4.38 -28.95 1.27
N GLY B 265 -4.69 -30.03 0.56
CA GLY B 265 -6.02 -30.60 0.59
C GLY B 265 -7.07 -29.85 -0.21
N MET B 266 -6.69 -28.80 -0.92
CA MET B 266 -7.64 -28.02 -1.72
C MET B 266 -7.43 -28.31 -3.20
N PRO B 267 -8.39 -28.93 -3.88
CA PRO B 267 -8.28 -29.08 -5.33
C PRO B 267 -8.53 -27.75 -6.04
N VAL B 268 -7.93 -27.62 -7.22
CA VAL B 268 -8.17 -26.47 -8.07
C VAL B 268 -9.51 -26.68 -8.75
N ASP B 269 -10.57 -26.12 -8.18
CA ASP B 269 -11.92 -26.31 -8.70
C ASP B 269 -12.69 -25.01 -8.51
N SER B 270 -14.02 -25.09 -8.60
CA SER B 270 -14.87 -23.93 -8.43
C SER B 270 -14.71 -23.31 -7.04
N LYS B 271 -14.59 -24.14 -6.00
CA LYS B 271 -14.52 -23.60 -4.65
C LYS B 271 -13.17 -22.93 -4.40
N PHE B 272 -12.11 -23.39 -5.05
CA PHE B 272 -10.80 -22.78 -4.85
C PHE B 272 -10.79 -21.35 -5.35
N TYR B 273 -11.27 -21.11 -6.58
CA TYR B 273 -11.24 -19.76 -7.13
C TYR B 273 -12.07 -18.82 -6.28
N LYS B 274 -13.24 -19.28 -5.82
CA LYS B 274 -14.13 -18.43 -5.04
C LYS B 274 -13.47 -17.96 -3.75
N MET B 275 -12.83 -18.88 -3.02
CA MET B 275 -12.17 -18.52 -1.77
C MET B 275 -11.03 -17.53 -2.00
N ILE B 276 -10.25 -17.73 -3.07
CA ILE B 276 -9.17 -16.80 -3.37
C ILE B 276 -9.72 -15.41 -3.63
N LYS B 277 -10.78 -15.32 -4.43
CA LYS B 277 -11.36 -14.01 -4.73
C LYS B 277 -11.95 -13.36 -3.49
N GLU B 278 -12.52 -14.16 -2.60
CA GLU B 278 -13.11 -13.63 -1.37
C GLU B 278 -12.06 -13.15 -0.38
N GLY B 279 -10.83 -13.62 -0.50
CA GLY B 279 -9.75 -13.15 0.35
C GLY B 279 -9.10 -14.22 1.20
N PHE B 280 -9.39 -15.49 0.94
CA PHE B 280 -8.73 -16.56 1.68
C PHE B 280 -7.25 -16.61 1.34
N ARG B 281 -6.42 -16.70 2.37
CA ARG B 281 -4.97 -16.81 2.22
C ARG B 281 -4.47 -17.93 3.12
N MET B 282 -3.35 -18.54 2.73
CA MET B 282 -2.75 -19.59 3.52
C MET B 282 -2.26 -19.04 4.86
N SER B 283 -2.43 -19.83 5.91
CA SER B 283 -1.90 -19.43 7.21
C SER B 283 -0.39 -19.64 7.26
N SER B 284 0.22 -19.13 8.32
CA SER B 284 1.68 -19.15 8.42
C SER B 284 2.18 -20.57 8.60
N PRO B 285 3.27 -20.95 7.94
CA PRO B 285 3.94 -22.21 8.28
C PRO B 285 4.51 -22.11 9.68
N GLU B 286 4.65 -23.27 10.34
CA GLU B 286 5.09 -23.28 11.73
C GLU B 286 6.46 -22.63 11.89
N TYR B 287 7.39 -22.94 11.00
CA TYR B 287 8.77 -22.47 11.13
C TYR B 287 9.02 -21.16 10.38
N ALA B 288 7.98 -20.56 9.81
CA ALA B 288 8.13 -19.25 9.20
C ALA B 288 8.23 -18.18 10.28
N PRO B 289 9.31 -17.38 10.31
CA PRO B 289 9.33 -16.21 11.19
C PRO B 289 8.15 -15.28 10.92
N ALA B 290 7.75 -14.56 11.97
CA ALA B 290 6.59 -13.68 11.86
C ALA B 290 6.80 -12.59 10.81
N GLU B 291 8.00 -12.01 10.76
CA GLU B 291 8.26 -11.01 9.73
C GLU B 291 8.29 -11.62 8.32
N MET B 292 8.74 -12.87 8.19
CA MET B 292 8.67 -13.51 6.87
C MET B 292 7.24 -13.81 6.46
N TYR B 293 6.37 -14.16 7.43
CA TYR B 293 4.96 -14.34 7.10
C TYR B 293 4.30 -13.01 6.77
N ASP B 294 4.75 -11.91 7.40
CA ASP B 294 4.23 -10.61 7.04
C ASP B 294 4.50 -10.28 5.58
N ILE B 295 5.67 -10.68 5.06
CA ILE B 295 5.97 -10.47 3.66
C ILE B 295 5.00 -11.26 2.78
N MET B 296 4.71 -12.51 3.18
CA MET B 296 3.77 -13.33 2.41
C MET B 296 2.41 -12.66 2.29
N LYS B 297 1.92 -12.07 3.39
CA LYS B 297 0.58 -11.48 3.37
C LYS B 297 0.52 -10.25 2.47
N THR B 298 1.58 -9.43 2.46
CA THR B 298 1.61 -8.29 1.54
C THR B 298 1.76 -8.73 0.10
N CYS B 299 2.50 -9.81 -0.14
CA CYS B 299 2.58 -10.37 -1.49
C CYS B 299 1.21 -10.84 -1.96
N TRP B 300 0.34 -11.26 -1.05
CA TRP B 300 -0.94 -11.83 -1.40
C TRP B 300 -2.06 -10.80 -1.31
N ASP B 301 -1.73 -9.53 -1.35
CA ASP B 301 -2.75 -8.49 -1.28
C ASP B 301 -3.61 -8.54 -2.54
N ALA B 302 -4.93 -8.47 -2.35
CA ALA B 302 -5.83 -8.49 -3.51
C ALA B 302 -5.58 -7.31 -4.43
N ASP B 303 -5.16 -6.18 -3.87
CA ASP B 303 -4.76 -5.02 -4.68
C ASP B 303 -3.31 -5.19 -5.11
N PRO B 304 -3.03 -5.29 -6.42
CA PRO B 304 -1.63 -5.38 -6.85
C PRO B 304 -0.80 -4.18 -6.47
N ASP B 305 -1.40 -2.99 -6.39
CA ASP B 305 -0.65 -1.79 -6.04
C ASP B 305 -0.17 -1.83 -4.60
N LYS B 306 -0.87 -2.54 -3.73
CA LYS B 306 -0.46 -2.64 -2.34
C LYS B 306 0.64 -3.68 -2.12
N ARG B 307 0.90 -4.55 -3.09
CA ARG B 307 1.98 -5.52 -2.94
C ARG B 307 3.33 -4.81 -2.97
N PRO B 308 4.32 -5.34 -2.26
CA PRO B 308 5.65 -4.73 -2.26
C PRO B 308 6.40 -5.04 -3.53
N THR B 309 7.44 -4.25 -3.77
CA THR B 309 8.36 -4.52 -4.86
C THR B 309 9.48 -5.44 -4.39
N PHE B 310 10.08 -6.15 -5.34
CA PHE B 310 11.21 -7.00 -5.00
C PHE B 310 12.36 -6.19 -4.40
N LYS B 311 12.53 -4.95 -4.84
CA LYS B 311 13.50 -4.08 -4.20
C LYS B 311 13.19 -3.89 -2.71
N GLN B 312 11.91 -3.71 -2.38
CA GLN B 312 11.54 -3.53 -0.98
C GLN B 312 11.70 -4.83 -0.19
N ILE B 313 11.40 -5.96 -0.84
CA ILE B 313 11.56 -7.25 -0.18
C ILE B 313 13.02 -7.51 0.14
N VAL B 314 13.92 -7.13 -0.78
CA VAL B 314 15.35 -7.34 -0.54
C VAL B 314 15.80 -6.51 0.65
N GLN B 315 15.41 -5.23 0.69
CA GLN B 315 15.79 -4.38 1.81
C GLN B 315 15.18 -4.89 3.11
N ASP B 316 13.97 -5.46 3.04
CA ASP B 316 13.32 -6.00 4.22
C ASP B 316 14.10 -7.19 4.77
N ILE B 317 14.40 -8.15 3.90
CA ILE B 317 15.05 -9.38 4.36
C ILE B 317 16.47 -9.09 4.83
N GLU B 318 17.13 -8.07 4.27
CA GLU B 318 18.46 -7.70 4.73
C GLU B 318 18.47 -7.40 6.23
N LYS B 319 17.52 -6.58 6.69
CA LYS B 319 17.47 -6.21 8.10
C LYS B 319 17.22 -7.43 8.97
N GLN B 320 16.40 -8.38 8.49
CA GLN B 320 16.16 -9.60 9.26
C GLN B 320 17.43 -10.42 9.40
N ILE B 321 18.22 -10.51 8.32
CA ILE B 321 19.47 -11.27 8.39
C ILE B 321 20.45 -10.59 9.35
N SER B 322 20.57 -9.26 9.28
CA SER B 322 21.54 -8.56 10.11
C SER B 322 21.19 -8.70 11.59
N GLU B 323 19.91 -8.55 11.92
CA GLU B 323 19.49 -8.61 13.31
C GLU B 323 19.53 -10.04 13.86
N SER B 324 19.58 -11.05 12.99
CA SER B 324 19.74 -12.42 13.47
C SER B 324 21.13 -12.67 14.05
N THR B 325 22.14 -11.98 13.53
CA THR B 325 23.50 -12.14 14.03
C THR B 325 23.65 -11.59 15.45
C1 9JI C . -8.79 32.62 17.36
C2 9JI C . -8.47 31.70 18.36
C3 9JI C . -9.24 30.51 18.79
C4 9JI C . -8.87 29.66 19.81
C5 9JI C . -10.81 28.86 18.93
C6 9JI C . -11.88 27.90 18.89
N 9JI C . -6.93 33.26 18.14
C 9JI C . -5.74 34.08 18.28
C10 9JI C . -18.62 27.05 16.16
C11 9JI C . -19.24 28.28 15.99
C7 9JI C . -13.60 29.16 17.69
C8 9JI C . -14.35 29.05 16.37
C9 9JI C . -16.59 28.03 16.27
C12 9JI C . -20.75 28.41 15.79
C13 9JI C . -21.12 29.84 15.40
C14 9JI C . -21.52 28.00 17.07
C15 9JI C . -21.16 28.53 18.30
C16 9JI C . -21.83 28.15 19.46
C17 9JI C . -22.85 27.25 19.35
C18 9JI C . -23.25 26.71 18.16
C19 9JI C . -22.57 27.09 17.01
C20 9JI C . -18.38 29.37 15.97
C21 9JI C . -14.60 26.64 16.74
C22 9JI C . -13.85 26.77 18.05
C23 9JI C . -10.89 26.84 20.64
C24 9JI C . -10.47 30.00 18.23
C25 9JI C . -7.25 32.15 18.84
F 9JI C . -23.48 26.85 20.49
N1 9JI C . -7.88 33.56 17.22
N2 9JI C . -9.82 28.69 19.88
N3 9JI C . -12.91 27.90 17.99
N4 9JI C . -15.26 27.90 16.39
N5 9JI C . -17.31 26.91 16.30
N6 9JI C . -21.19 27.55 14.67
N7 9JI C . -17.06 29.27 16.12
N8 9JI C . -11.90 26.89 19.76
N9 9JI C . -9.83 27.64 20.79
C1 9JI D . 20.98 -31.94 -10.48
C2 9JI D . 19.87 -31.45 -11.17
C3 9JI D . 19.83 -30.29 -12.09
C4 9JI D . 20.87 -29.47 -12.47
C5 9JI D . 19.00 -28.74 -13.53
C6 9JI D . 18.30 -27.84 -14.39
N 9JI D . 19.37 -33.22 -9.99
C 9JI D . 18.66 -34.32 -9.33
C10 9JI D . 12.31 -27.13 -18.77
C11 9JI D . 11.79 -28.36 -19.11
C7 9JI D . 16.38 -29.11 -15.28
C8 9JI D . 14.87 -29.03 -15.30
C9 9JI D . 13.55 -28.05 -17.12
C12 9JI D . 10.79 -28.49 -20.26
C13 9JI D . 10.33 -29.94 -20.39
C14 9JI D . 11.39 -27.99 -21.59
C15 9JI D . 12.64 -28.43 -21.99
C16 9JI D . 13.20 -27.98 -23.18
C17 9JI D . 12.49 -27.09 -23.94
C18 9JI D . 11.25 -26.64 -23.58
C19 9JI D . 10.70 -27.09 -22.40
C20 9JI D . 12.24 -29.43 -18.36
C21 9JI D . 15.41 -26.80 -16.13
C22 9JI D . 16.16 -26.72 -14.81
C23 9JI D . 20.26 -26.76 -14.72
C24 9JI D . 18.65 -29.84 -12.76
C25 9JI D . 18.84 -32.31 -10.82
F 9JI D . 13.05 -26.61 -25.08
N1 9JI D . 20.68 -33.02 -9.76
N2 9JI D . 20.35 -28.55 -13.33
N3 9JI D . 16.95 -27.94 -14.61
N4 9JI D . 14.43 -27.89 -16.11
N5 9JI D . 13.20 -26.95 -17.78
N6 9JI D . 9.58 -27.72 -19.95
N7 9JI D . 13.12 -29.30 -17.36
N8 9JI D . 18.94 -26.83 -14.99
N9 9JI D . 21.04 -27.53 -13.93
#